data_2MRZ
#
_entry.id   2MRZ
#
_entity_poly.entity_id   1
_entity_poly.type   'polydeoxyribonucleotide'
_entity_poly.pdbx_seq_one_letter_code
;(DT)(DC)(DC)(DT)(DT)(DT)(DT)(DC)(DC)(DA)
;
_entity_poly.pdbx_strand_id   A,B
#